data_2FQC
#
_entry.id   2FQC
#
_entity_poly.entity_id   1
_entity_poly.type   'polypeptide(L)'
_entity_poly.pdbx_seq_one_letter_code
;FPRPRICNLACRAGIGHKYPFCHCR(NH2)
;
_entity_poly.pdbx_strand_id   A
#
# COMPACT_ATOMS: atom_id res chain seq x y z
N PHE A 1 -2.72 7.73 12.13
CA PHE A 1 -1.92 8.00 10.91
C PHE A 1 -2.82 7.96 9.68
N PRO A 2 -2.77 9.01 8.84
CA PRO A 2 -3.58 9.09 7.62
C PRO A 2 -3.13 8.08 6.57
N ARG A 3 -4.08 7.45 5.90
CA ARG A 3 -3.78 6.47 4.86
C ARG A 3 -3.18 7.15 3.64
N PRO A 4 -1.91 6.84 3.32
CA PRO A 4 -1.22 7.41 2.16
C PRO A 4 -1.93 7.02 0.87
N ARG A 5 -2.07 7.98 -0.04
CA ARG A 5 -2.74 7.74 -1.32
C ARG A 5 -2.08 6.58 -2.07
N ILE A 6 -0.77 6.47 -1.92
CA ILE A 6 -0.01 5.40 -2.58
C ILE A 6 -0.44 4.03 -2.08
N CYS A 7 -0.69 3.93 -0.78
CA CYS A 7 -1.11 2.67 -0.18
C CYS A 7 -2.40 2.18 -0.81
N ASN A 8 -3.22 3.12 -1.27
CA ASN A 8 -4.47 2.77 -1.91
C ASN A 8 -4.19 2.11 -3.25
N LEU A 9 -3.29 2.73 -4.00
CA LEU A 9 -2.88 2.21 -5.30
C LEU A 9 -2.21 0.85 -5.12
N ALA A 10 -1.35 0.78 -4.12
CA ALA A 10 -0.62 -0.43 -3.79
C ALA A 10 -1.57 -1.58 -3.51
N CYS A 11 -2.61 -1.32 -2.72
CA CYS A 11 -3.59 -2.35 -2.37
C CYS A 11 -4.29 -2.86 -3.63
N ARG A 12 -4.67 -1.93 -4.51
CA ARG A 12 -5.37 -2.29 -5.74
C ARG A 12 -4.53 -3.17 -6.64
N ALA A 13 -3.28 -2.76 -6.86
CA ALA A 13 -2.37 -3.51 -7.70
C ALA A 13 -1.85 -4.76 -7.00
N GLY A 14 -2.07 -4.79 -5.69
CA GLY A 14 -1.63 -5.90 -4.88
C GLY A 14 -0.15 -5.88 -4.66
N ILE A 15 0.42 -4.70 -4.81
CA ILE A 15 1.85 -4.52 -4.60
C ILE A 15 2.10 -4.07 -3.17
N GLY A 16 1.11 -4.34 -2.33
CA GLY A 16 1.21 -3.99 -0.94
C GLY A 16 2.37 -4.67 -0.26
N HIS A 17 2.57 -5.95 -0.55
CA HIS A 17 3.66 -6.71 0.04
C HIS A 17 5.01 -6.21 -0.51
N LYS A 18 4.95 -5.51 -1.63
CA LYS A 18 6.16 -4.97 -2.25
C LYS A 18 6.57 -3.65 -1.61
N TYR A 19 5.58 -2.85 -1.23
CA TYR A 19 5.84 -1.54 -0.61
C TYR A 19 5.80 -1.66 0.91
N PRO A 20 6.98 -1.56 1.57
CA PRO A 20 7.09 -1.67 3.04
C PRO A 20 6.13 -0.75 3.78
N PHE A 21 6.10 0.52 3.39
CA PHE A 21 5.23 1.50 4.03
C PHE A 21 3.76 1.23 3.73
N CYS A 22 3.50 0.52 2.65
CA CYS A 22 2.14 0.17 2.26
C CYS A 22 2.00 -1.34 2.18
N HIS A 23 2.38 -2.01 3.26
CA HIS A 23 2.34 -3.48 3.38
C HIS A 23 0.92 -4.03 3.32
N CYS A 24 0.25 -3.72 2.25
CA CYS A 24 -1.11 -4.15 1.99
C CYS A 24 -1.12 -5.51 1.30
N ARG A 25 -2.27 -5.87 0.78
CA ARG A 25 -2.45 -7.14 0.07
C ARG A 25 -1.51 -7.21 -1.13
N PHE A 1 -5.36 5.88 11.88
CA PHE A 1 -3.91 6.18 11.81
C PHE A 1 -3.55 6.72 10.43
N PRO A 2 -2.55 7.62 10.35
CA PRO A 2 -2.13 8.22 9.08
C PRO A 2 -1.46 7.20 8.15
N ARG A 3 -1.79 7.28 6.87
CA ARG A 3 -1.24 6.39 5.86
C ARG A 3 -1.16 7.09 4.51
N PRO A 4 -0.06 6.90 3.77
CA PRO A 4 0.14 7.52 2.47
C PRO A 4 -0.93 7.10 1.45
N ARG A 5 -1.34 8.04 0.61
CA ARG A 5 -2.36 7.78 -0.41
C ARG A 5 -1.89 6.68 -1.37
N ILE A 6 -0.58 6.45 -1.38
CA ILE A 6 0.03 5.42 -2.21
C ILE A 6 -0.47 4.03 -1.83
N CYS A 7 -0.77 3.86 -0.54
CA CYS A 7 -1.27 2.60 -0.02
C CYS A 7 -2.49 2.13 -0.81
N ASN A 8 -3.27 3.09 -1.30
CA ASN A 8 -4.46 2.79 -2.09
C ASN A 8 -4.07 2.05 -3.35
N LEU A 9 -3.12 2.64 -4.07
CA LEU A 9 -2.60 2.07 -5.31
C LEU A 9 -1.97 0.71 -5.02
N ALA A 10 -1.21 0.67 -3.94
CA ALA A 10 -0.53 -0.55 -3.52
C ALA A 10 -1.52 -1.69 -3.33
N CYS A 11 -2.60 -1.43 -2.62
CA CYS A 11 -3.63 -2.45 -2.39
C CYS A 11 -4.30 -2.84 -3.71
N ARG A 12 -4.62 -1.83 -4.53
CA ARG A 12 -5.29 -2.05 -5.80
C ARG A 12 -4.48 -2.94 -6.73
N ALA A 13 -3.18 -2.70 -6.81
CA ALA A 13 -2.32 -3.49 -7.68
C ALA A 13 -1.78 -4.71 -6.96
N GLY A 14 -2.16 -4.84 -5.70
CA GLY A 14 -1.72 -5.96 -4.87
C GLY A 14 -0.24 -5.93 -4.63
N ILE A 15 0.36 -4.77 -4.83
CA ILE A 15 1.78 -4.59 -4.62
C ILE A 15 2.02 -4.11 -3.20
N GLY A 16 1.03 -4.35 -2.36
CA GLY A 16 1.13 -3.97 -0.97
C GLY A 16 2.32 -4.61 -0.29
N HIS A 17 2.49 -5.91 -0.51
CA HIS A 17 3.60 -6.63 0.08
C HIS A 17 4.93 -6.17 -0.49
N LYS A 18 4.89 -5.47 -1.62
CA LYS A 18 6.10 -4.96 -2.24
C LYS A 18 6.49 -3.62 -1.61
N TYR A 19 5.50 -2.81 -1.28
CA TYR A 19 5.73 -1.50 -0.67
C TYR A 19 5.78 -1.61 0.86
N PRO A 20 6.96 -1.45 1.47
CA PRO A 20 7.11 -1.55 2.93
C PRO A 20 6.19 -0.60 3.71
N PHE A 21 6.11 0.64 3.26
CA PHE A 21 5.28 1.64 3.92
C PHE A 21 3.78 1.37 3.70
N CYS A 22 3.47 0.50 2.75
CA CYS A 22 2.09 0.15 2.46
C CYS A 22 1.99 -1.35 2.24
N HIS A 23 2.43 -2.12 3.24
CA HIS A 23 2.43 -3.60 3.19
C HIS A 23 1.02 -4.18 3.20
N CYS A 24 0.24 -3.73 2.24
CA CYS A 24 -1.13 -4.15 2.04
C CYS A 24 -1.20 -5.53 1.40
N ARG A 25 -2.41 -5.89 0.98
CA ARG A 25 -2.67 -7.15 0.33
C ARG A 25 -2.11 -7.16 -1.09
N PHE A 1 -1.57 7.74 12.92
CA PHE A 1 -0.97 8.41 11.74
C PHE A 1 -1.85 8.20 10.52
N PRO A 2 -1.97 9.22 9.64
CA PRO A 2 -2.79 9.12 8.43
C PRO A 2 -2.20 8.12 7.44
N ARG A 3 -3.06 7.25 6.91
CA ARG A 3 -2.61 6.25 5.95
C ARG A 3 -2.18 6.90 4.64
N PRO A 4 -1.00 6.53 4.14
CA PRO A 4 -0.44 7.06 2.89
C PRO A 4 -1.39 6.88 1.71
N ARG A 5 -1.48 7.90 0.87
CA ARG A 5 -2.35 7.86 -0.30
C ARG A 5 -1.88 6.80 -1.29
N ILE A 6 -0.58 6.55 -1.30
CA ILE A 6 0.03 5.57 -2.19
C ILE A 6 -0.49 4.17 -1.87
N CYS A 7 -0.73 3.90 -0.59
CA CYS A 7 -1.23 2.61 -0.14
C CYS A 7 -2.49 2.21 -0.89
N ASN A 8 -3.26 3.21 -1.30
CA ASN A 8 -4.50 2.95 -2.05
C ASN A 8 -4.20 2.23 -3.35
N LEU A 9 -3.20 2.74 -4.06
CA LEU A 9 -2.76 2.15 -5.32
C LEU A 9 -2.12 0.81 -5.04
N ALA A 10 -1.36 0.78 -3.96
CA ALA A 10 -0.65 -0.42 -3.53
C ALA A 10 -1.61 -1.60 -3.35
N CYS A 11 -2.72 -1.38 -2.64
CA CYS A 11 -3.69 -2.45 -2.41
C CYS A 11 -4.32 -2.89 -3.73
N ARG A 12 -4.69 -1.91 -4.55
CA ARG A 12 -5.34 -2.16 -5.85
C ARG A 12 -4.47 -3.02 -6.75
N ALA A 13 -3.18 -2.71 -6.80
CA ALA A 13 -2.26 -3.47 -7.65
C ALA A 13 -1.68 -4.65 -6.91
N GLY A 14 -2.12 -4.83 -5.67
CA GLY A 14 -1.66 -5.92 -4.83
C GLY A 14 -0.17 -5.87 -4.57
N ILE A 15 0.40 -4.69 -4.74
CA ILE A 15 1.81 -4.49 -4.52
C ILE A 15 2.08 -4.12 -3.08
N GLY A 16 1.10 -4.42 -2.23
CA GLY A 16 1.23 -4.14 -0.82
C GLY A 16 2.41 -4.88 -0.20
N HIS A 17 2.65 -6.09 -0.66
CA HIS A 17 3.76 -6.89 -0.15
C HIS A 17 5.09 -6.29 -0.59
N LYS A 18 5.08 -5.60 -1.71
CA LYS A 18 6.28 -4.97 -2.26
C LYS A 18 6.57 -3.62 -1.59
N TYR A 19 5.51 -2.91 -1.23
CA TYR A 19 5.67 -1.59 -0.60
C TYR A 19 5.80 -1.70 0.91
N PRO A 20 6.99 -1.39 1.45
CA PRO A 20 7.26 -1.45 2.89
C PRO A 20 6.33 -0.55 3.70
N PHE A 21 6.14 0.67 3.23
CA PHE A 21 5.28 1.63 3.91
C PHE A 21 3.81 1.44 3.55
N CYS A 22 3.52 0.39 2.78
CA CYS A 22 2.16 0.10 2.37
C CYS A 22 1.96 -1.40 2.22
N HIS A 23 2.23 -2.14 3.30
CA HIS A 23 2.09 -3.61 3.29
C HIS A 23 0.62 -4.02 3.32
N CYS A 24 -0.11 -3.50 2.37
CA CYS A 24 -1.52 -3.75 2.21
C CYS A 24 -1.75 -5.08 1.50
N ARG A 25 -3.01 -5.49 1.42
CA ARG A 25 -3.39 -6.74 0.77
C ARG A 25 -4.84 -6.67 0.31
N PHE A 1 2.65 12.34 12.05
CA PHE A 1 3.85 12.42 11.17
C PHE A 1 3.44 12.16 9.72
N PRO A 2 4.23 12.63 8.75
CA PRO A 2 3.93 12.44 7.33
C PRO A 2 3.91 10.97 6.94
N ARG A 3 2.98 10.60 6.07
CA ARG A 3 2.84 9.23 5.63
C ARG A 3 2.23 9.17 4.23
N PRO A 4 2.96 8.60 3.26
CA PRO A 4 2.47 8.49 1.88
C PRO A 4 1.23 7.61 1.81
N ARG A 5 0.16 8.15 1.23
CA ARG A 5 -1.09 7.42 1.10
C ARG A 5 -1.12 6.62 -0.19
N ILE A 6 0.04 6.13 -0.60
CA ILE A 6 0.18 5.33 -1.82
C ILE A 6 -0.45 3.95 -1.62
N CYS A 7 -0.75 3.66 -0.36
CA CYS A 7 -1.34 2.39 0.02
C CYS A 7 -2.56 2.07 -0.84
N ASN A 8 -3.23 3.12 -1.30
CA ASN A 8 -4.41 2.98 -2.16
C ASN A 8 -4.05 2.24 -3.43
N LEU A 9 -3.02 2.74 -4.09
CA LEU A 9 -2.51 2.15 -5.32
C LEU A 9 -1.93 0.78 -5.04
N ALA A 10 -1.18 0.71 -3.96
CA ALA A 10 -0.53 -0.52 -3.54
C ALA A 10 -1.54 -1.66 -3.36
N CYS A 11 -2.63 -1.38 -2.65
CA CYS A 11 -3.67 -2.38 -2.42
C CYS A 11 -4.35 -2.78 -3.72
N ARG A 12 -4.59 -1.79 -4.59
CA ARG A 12 -5.26 -2.04 -5.86
C ARG A 12 -4.48 -2.98 -6.76
N ALA A 13 -3.18 -2.73 -6.88
CA ALA A 13 -2.32 -3.56 -7.71
C ALA A 13 -1.79 -4.76 -6.94
N GLY A 14 -2.22 -4.87 -5.69
CA GLY A 14 -1.79 -5.96 -4.83
C GLY A 14 -0.30 -5.94 -4.58
N ILE A 15 0.29 -4.79 -4.79
CA ILE A 15 1.72 -4.63 -4.57
C ILE A 15 1.99 -4.17 -3.15
N GLY A 16 1.02 -4.44 -2.28
CA GLY A 16 1.14 -4.07 -0.90
C GLY A 16 2.35 -4.73 -0.25
N HIS A 17 2.57 -5.99 -0.58
CA HIS A 17 3.71 -6.73 -0.03
C HIS A 17 5.02 -6.11 -0.50
N LYS A 18 4.99 -5.54 -1.70
CA LYS A 18 6.15 -4.90 -2.29
C LYS A 18 6.46 -3.56 -1.63
N TYR A 19 5.42 -2.82 -1.25
CA TYR A 19 5.61 -1.51 -0.64
C TYR A 19 5.76 -1.61 0.88
N PRO A 20 6.96 -1.28 1.40
CA PRO A 20 7.25 -1.33 2.83
C PRO A 20 6.33 -0.45 3.66
N PHE A 21 6.13 0.77 3.20
CA PHE A 21 5.26 1.72 3.91
C PHE A 21 3.78 1.44 3.66
N CYS A 22 3.48 0.41 2.87
CA CYS A 22 2.10 0.05 2.56
C CYS A 22 2.01 -1.45 2.33
N HIS A 23 2.35 -2.24 3.35
CA HIS A 23 2.32 -3.70 3.27
C HIS A 23 0.91 -4.25 3.20
N CYS A 24 0.16 -3.76 2.24
CA CYS A 24 -1.21 -4.17 2.00
C CYS A 24 -1.25 -5.53 1.31
N ARG A 25 -2.42 -5.88 0.82
CA ARG A 25 -2.64 -7.14 0.12
C ARG A 25 -1.79 -7.20 -1.14
N PHE A 1 -9.92 4.69 9.34
CA PHE A 1 -9.01 5.83 9.09
C PHE A 1 -8.64 5.89 7.61
N PRO A 2 -8.35 7.09 7.08
CA PRO A 2 -7.99 7.25 5.67
C PRO A 2 -6.63 6.64 5.35
N ARG A 3 -6.58 5.88 4.26
CA ARG A 3 -5.33 5.25 3.85
C ARG A 3 -4.56 6.16 2.92
N PRO A 4 -3.22 6.17 3.04
CA PRO A 4 -2.36 7.00 2.20
C PRO A 4 -2.63 6.76 0.72
N ARG A 5 -2.60 7.84 -0.06
CA ARG A 5 -2.87 7.77 -1.50
C ARG A 5 -2.04 6.68 -2.19
N ILE A 6 -0.80 6.49 -1.74
CA ILE A 6 0.08 5.48 -2.31
C ILE A 6 -0.36 4.09 -1.91
N CYS A 7 -0.71 3.93 -0.66
CA CYS A 7 -1.17 2.65 -0.15
C CYS A 7 -2.44 2.21 -0.86
N ASN A 8 -3.22 3.19 -1.30
CA ASN A 8 -4.46 2.90 -2.01
C ASN A 8 -4.19 2.19 -3.33
N LEU A 9 -3.26 2.73 -4.11
CA LEU A 9 -2.90 2.12 -5.38
C LEU A 9 -2.15 0.82 -5.13
N ALA A 10 -1.41 0.77 -4.02
CA ALA A 10 -0.66 -0.41 -3.64
C ALA A 10 -1.59 -1.58 -3.42
N CYS A 11 -2.67 -1.38 -2.65
CA CYS A 11 -3.63 -2.45 -2.39
C CYS A 11 -4.30 -2.89 -3.69
N ARG A 12 -4.64 -1.90 -4.53
CA ARG A 12 -5.32 -2.15 -5.79
C ARG A 12 -4.50 -3.05 -6.71
N ALA A 13 -3.22 -2.74 -6.88
CA ALA A 13 -2.36 -3.53 -7.75
C ALA A 13 -1.71 -4.69 -7.00
N GLY A 14 -2.08 -4.86 -5.74
CA GLY A 14 -1.55 -5.93 -4.92
C GLY A 14 -0.07 -5.78 -4.65
N ILE A 15 0.40 -4.56 -4.69
CA ILE A 15 1.81 -4.27 -4.44
C ILE A 15 2.01 -4.03 -2.95
N GLY A 16 1.03 -4.46 -2.18
CA GLY A 16 1.08 -4.33 -0.73
C GLY A 16 2.24 -5.11 -0.13
N HIS A 17 2.68 -6.14 -0.83
CA HIS A 17 3.78 -6.96 -0.36
C HIS A 17 5.12 -6.36 -0.76
N LYS A 18 5.11 -5.54 -1.80
CA LYS A 18 6.35 -4.92 -2.28
C LYS A 18 6.61 -3.58 -1.59
N TYR A 19 5.54 -2.90 -1.22
CA TYR A 19 5.67 -1.59 -0.57
C TYR A 19 5.74 -1.73 0.95
N PRO A 20 6.93 -1.50 1.53
CA PRO A 20 7.13 -1.60 2.98
C PRO A 20 6.26 -0.61 3.74
N PHE A 21 6.16 0.60 3.21
CA PHE A 21 5.36 1.66 3.81
C PHE A 21 3.87 1.47 3.51
N CYS A 22 3.54 0.45 2.73
CA CYS A 22 2.16 0.16 2.38
C CYS A 22 1.97 -1.34 2.33
N HIS A 23 2.27 -2.00 3.45
CA HIS A 23 2.15 -3.46 3.57
C HIS A 23 0.68 -3.88 3.62
N CYS A 24 -0.04 -3.48 2.60
CA CYS A 24 -1.46 -3.78 2.47
C CYS A 24 -1.70 -5.25 2.16
N ARG A 25 -2.95 -5.59 1.93
CA ARG A 25 -3.34 -6.95 1.61
C ARG A 25 -4.65 -6.96 0.82
N PHE A 1 1.67 7.61 12.97
CA PHE A 1 2.39 7.86 11.70
C PHE A 1 1.41 7.90 10.54
N PRO A 2 1.40 8.97 9.76
CA PRO A 2 0.49 9.12 8.60
C PRO A 2 0.80 8.10 7.51
N ARG A 3 -0.24 7.47 6.99
CA ARG A 3 -0.08 6.48 5.95
C ARG A 3 -0.12 7.14 4.57
N PRO A 4 0.86 6.81 3.73
CA PRO A 4 0.96 7.37 2.37
C PRO A 4 -0.26 7.04 1.52
N ARG A 5 -0.72 8.04 0.76
CA ARG A 5 -1.88 7.87 -0.12
C ARG A 5 -1.61 6.80 -1.17
N ILE A 6 -0.32 6.51 -1.40
CA ILE A 6 0.11 5.51 -2.36
C ILE A 6 -0.44 4.13 -2.00
N CYS A 7 -0.65 3.91 -0.70
CA CYS A 7 -1.18 2.65 -0.20
C CYS A 7 -2.46 2.27 -0.92
N ASN A 8 -3.20 3.29 -1.34
CA ASN A 8 -4.45 3.08 -2.07
C ASN A 8 -4.21 2.27 -3.33
N LEU A 9 -3.22 2.69 -4.11
CA LEU A 9 -2.85 2.03 -5.34
C LEU A 9 -2.19 0.69 -5.02
N ALA A 10 -1.38 0.72 -3.97
CA ALA A 10 -0.66 -0.47 -3.52
C ALA A 10 -1.59 -1.66 -3.29
N CYS A 11 -2.70 -1.44 -2.59
CA CYS A 11 -3.63 -2.52 -2.32
C CYS A 11 -4.30 -3.00 -3.61
N ARG A 12 -4.73 -2.05 -4.43
CA ARG A 12 -5.41 -2.35 -5.68
C ARG A 12 -4.54 -3.14 -6.64
N ALA A 13 -3.28 -2.72 -6.77
CA ALA A 13 -2.35 -3.41 -7.66
C ALA A 13 -1.69 -4.59 -6.97
N GLY A 14 -2.09 -4.82 -5.72
CA GLY A 14 -1.55 -5.91 -4.93
C GLY A 14 -0.06 -5.80 -4.70
N ILE A 15 0.45 -4.60 -4.86
CA ILE A 15 1.87 -4.35 -4.65
C ILE A 15 2.12 -3.97 -3.21
N GLY A 16 1.11 -4.23 -2.40
CA GLY A 16 1.21 -3.95 -0.98
C GLY A 16 2.30 -4.77 -0.33
N HIS A 17 2.50 -5.97 -0.82
CA HIS A 17 3.54 -6.85 -0.29
C HIS A 17 4.92 -6.28 -0.55
N LYS A 18 5.07 -5.66 -1.71
CA LYS A 18 6.34 -5.08 -2.12
C LYS A 18 6.61 -3.73 -1.45
N TYR A 19 5.55 -2.98 -1.15
CA TYR A 19 5.72 -1.67 -0.53
C TYR A 19 5.77 -1.76 0.99
N PRO A 20 6.94 -1.51 1.60
CA PRO A 20 7.11 -1.56 3.06
C PRO A 20 6.18 -0.60 3.80
N PHE A 21 6.11 0.63 3.32
CA PHE A 21 5.25 1.65 3.93
C PHE A 21 3.78 1.42 3.60
N CYS A 22 3.51 0.47 2.71
CA CYS A 22 2.15 0.16 2.31
C CYS A 22 2.01 -1.35 2.19
N HIS A 23 2.39 -2.05 3.26
CA HIS A 23 2.35 -3.51 3.30
C HIS A 23 0.92 -4.04 3.34
N CYS A 24 0.15 -3.60 2.37
CA CYS A 24 -1.25 -3.95 2.22
C CYS A 24 -1.41 -5.33 1.60
N ARG A 25 -2.65 -5.75 1.46
CA ARG A 25 -2.97 -7.05 0.87
C ARG A 25 -2.74 -7.03 -0.64
N PHE A 1 -6.83 6.00 9.91
CA PHE A 1 -5.36 6.09 10.14
C PHE A 1 -4.71 6.84 8.98
N PRO A 2 -3.93 7.89 9.28
CA PRO A 2 -3.25 8.68 8.24
C PRO A 2 -2.05 7.93 7.67
N ARG A 3 -1.92 7.96 6.35
CA ARG A 3 -0.82 7.27 5.67
C ARG A 3 -0.81 7.67 4.20
N PRO A 4 0.35 7.49 3.52
CA PRO A 4 0.51 7.84 2.10
C PRO A 4 -0.62 7.32 1.21
N ARG A 5 -1.07 8.18 0.30
CA ARG A 5 -2.15 7.85 -0.64
C ARG A 5 -1.76 6.65 -1.50
N ILE A 6 -0.45 6.47 -1.67
CA ILE A 6 0.11 5.38 -2.47
C ILE A 6 -0.40 4.02 -2.01
N CYS A 7 -0.58 3.87 -0.71
CA CYS A 7 -1.07 2.62 -0.13
C CYS A 7 -2.37 2.18 -0.79
N ASN A 8 -3.15 3.15 -1.24
CA ASN A 8 -4.42 2.87 -1.89
C ASN A 8 -4.19 2.16 -3.23
N LEU A 9 -3.28 2.69 -4.03
CA LEU A 9 -2.98 2.07 -5.32
C LEU A 9 -2.21 0.77 -5.09
N ALA A 10 -1.44 0.74 -4.01
CA ALA A 10 -0.66 -0.42 -3.64
C ALA A 10 -1.58 -1.61 -3.40
N CYS A 11 -2.66 -1.40 -2.65
CA CYS A 11 -3.62 -2.46 -2.38
C CYS A 11 -4.29 -2.91 -3.69
N ARG A 12 -4.62 -1.93 -4.53
CA ARG A 12 -5.29 -2.19 -5.80
C ARG A 12 -4.46 -3.08 -6.72
N ALA A 13 -3.19 -2.75 -6.87
CA ALA A 13 -2.30 -3.52 -7.74
C ALA A 13 -1.69 -4.71 -6.98
N GLY A 14 -2.11 -4.87 -5.75
CA GLY A 14 -1.62 -5.95 -4.91
C GLY A 14 -0.13 -5.87 -4.65
N ILE A 15 0.41 -4.68 -4.84
CA ILE A 15 1.82 -4.46 -4.61
C ILE A 15 2.05 -4.05 -3.16
N GLY A 16 1.05 -4.34 -2.35
CA GLY A 16 1.14 -4.04 -0.94
C GLY A 16 2.29 -4.77 -0.28
N HIS A 17 2.48 -6.01 -0.67
CA HIS A 17 3.56 -6.83 -0.12
C HIS A 17 4.93 -6.36 -0.62
N LYS A 18 4.92 -5.51 -1.65
CA LYS A 18 6.15 -4.98 -2.20
C LYS A 18 6.53 -3.66 -1.52
N TYR A 19 5.53 -2.85 -1.20
CA TYR A 19 5.76 -1.55 -0.57
C TYR A 19 5.80 -1.68 0.96
N PRO A 20 6.97 -1.46 1.57
CA PRO A 20 7.13 -1.55 3.03
C PRO A 20 6.20 -0.62 3.79
N PHE A 21 6.13 0.63 3.36
CA PHE A 21 5.27 1.63 4.00
C PHE A 21 3.80 1.42 3.64
N CYS A 22 3.54 0.50 2.71
CA CYS A 22 2.18 0.19 2.31
C CYS A 22 2.03 -1.31 2.18
N HIS A 23 2.40 -2.01 3.26
CA HIS A 23 2.35 -3.48 3.31
C HIS A 23 0.92 -3.99 3.33
N CYS A 24 0.17 -3.57 2.33
CA CYS A 24 -1.21 -3.95 2.16
C CYS A 24 -1.32 -5.34 1.55
N ARG A 25 -2.54 -5.77 1.32
CA ARG A 25 -2.79 -7.09 0.74
C ARG A 25 -2.42 -7.10 -0.74
N PHE A 1 2.37 14.46 10.14
CA PHE A 1 1.94 14.88 8.78
C PHE A 1 1.02 13.82 8.19
N PRO A 2 0.14 14.20 7.25
CA PRO A 2 -0.79 13.27 6.61
C PRO A 2 -0.07 12.27 5.71
N ARG A 3 -0.48 11.02 5.77
CA ARG A 3 0.12 9.98 4.96
C ARG A 3 -0.49 9.96 3.57
N PRO A 4 0.36 9.95 2.53
CA PRO A 4 -0.09 9.92 1.14
C PRO A 4 -0.95 8.68 0.87
N ARG A 5 -2.00 8.85 0.09
CA ARG A 5 -2.91 7.74 -0.23
C ARG A 5 -2.29 6.82 -1.29
N ILE A 6 -0.99 6.58 -1.15
CA ILE A 6 -0.28 5.71 -2.07
C ILE A 6 -0.65 4.25 -1.82
N CYS A 7 -0.87 3.93 -0.55
CA CYS A 7 -1.25 2.58 -0.15
C CYS A 7 -2.49 2.14 -0.90
N ASN A 8 -3.30 3.12 -1.28
CA ASN A 8 -4.54 2.87 -2.03
C ASN A 8 -4.21 2.13 -3.31
N LEU A 9 -3.25 2.66 -4.03
CA LEU A 9 -2.79 2.08 -5.28
C LEU A 9 -2.12 0.76 -5.00
N ALA A 10 -1.35 0.75 -3.91
CA ALA A 10 -0.63 -0.44 -3.48
C ALA A 10 -1.56 -1.64 -3.31
N CYS A 11 -2.67 -1.45 -2.61
CA CYS A 11 -3.64 -2.53 -2.40
C CYS A 11 -4.26 -2.95 -3.72
N ARG A 12 -4.65 -1.96 -4.52
CA ARG A 12 -5.29 -2.20 -5.81
C ARG A 12 -4.43 -3.02 -6.75
N ALA A 13 -3.15 -2.69 -6.82
CA ALA A 13 -2.22 -3.41 -7.69
C ALA A 13 -1.62 -4.62 -6.98
N GLY A 14 -2.06 -4.85 -5.76
CA GLY A 14 -1.57 -5.96 -4.96
C GLY A 14 -0.10 -5.86 -4.68
N ILE A 15 0.43 -4.66 -4.83
CA ILE A 15 1.84 -4.42 -4.58
C ILE A 15 2.04 -4.03 -3.13
N GLY A 16 1.05 -4.36 -2.32
CA GLY A 16 1.10 -4.07 -0.91
C GLY A 16 2.28 -4.74 -0.23
N HIS A 17 2.50 -6.01 -0.57
CA HIS A 17 3.60 -6.76 0.01
C HIS A 17 4.93 -6.33 -0.59
N LYS A 18 4.87 -5.49 -1.62
CA LYS A 18 6.06 -4.99 -2.28
C LYS A 18 6.52 -3.70 -1.62
N TYR A 19 5.54 -2.86 -1.27
CA TYR A 19 5.83 -1.57 -0.64
C TYR A 19 5.81 -1.70 0.88
N PRO A 20 6.97 -1.59 1.53
CA PRO A 20 7.08 -1.69 2.99
C PRO A 20 6.21 -0.68 3.73
N PHE A 21 6.21 0.55 3.25
CA PHE A 21 5.43 1.63 3.87
C PHE A 21 3.94 1.51 3.52
N CYS A 22 3.60 0.49 2.75
CA CYS A 22 2.21 0.24 2.35
C CYS A 22 1.99 -1.25 2.22
N HIS A 23 2.37 -1.99 3.26
CA HIS A 23 2.24 -3.46 3.31
C HIS A 23 0.78 -3.90 3.37
N CYS A 24 0.02 -3.42 2.41
CA CYS A 24 -1.40 -3.71 2.29
C CYS A 24 -1.62 -5.08 1.67
N ARG A 25 -2.86 -5.51 1.62
CA ARG A 25 -3.23 -6.80 1.04
C ARG A 25 -3.20 -6.74 -0.48
N PHE A 1 -8.33 4.07 10.07
CA PHE A 1 -6.85 3.90 10.04
C PHE A 1 -6.22 4.81 9.00
N PRO A 2 -5.27 5.65 9.42
CA PRO A 2 -4.57 6.57 8.53
C PRO A 2 -3.44 5.90 7.78
N ARG A 3 -3.24 6.28 6.52
CA ARG A 3 -2.18 5.71 5.70
C ARG A 3 -2.00 6.56 4.44
N PRO A 4 -0.77 6.62 3.90
CA PRO A 4 -0.46 7.40 2.71
C PRO A 4 -1.31 7.02 1.51
N ARG A 5 -1.59 8.01 0.65
CA ARG A 5 -2.41 7.82 -0.55
C ARG A 5 -1.84 6.71 -1.45
N ILE A 6 -0.52 6.51 -1.36
CA ILE A 6 0.15 5.49 -2.15
C ILE A 6 -0.38 4.10 -1.83
N CYS A 7 -0.69 3.87 -0.56
CA CYS A 7 -1.21 2.59 -0.11
C CYS A 7 -2.49 2.23 -0.86
N ASN A 8 -3.21 3.25 -1.30
CA ASN A 8 -4.46 3.05 -2.03
C ASN A 8 -4.20 2.30 -3.33
N LEU A 9 -3.25 2.79 -4.10
CA LEU A 9 -2.90 2.17 -5.36
C LEU A 9 -2.15 0.85 -5.11
N ALA A 10 -1.41 0.81 -4.00
CA ALA A 10 -0.66 -0.37 -3.62
C ALA A 10 -1.57 -1.56 -3.42
N CYS A 11 -2.67 -1.37 -2.70
CA CYS A 11 -3.63 -2.44 -2.46
C CYS A 11 -4.28 -2.87 -3.77
N ARG A 12 -4.63 -1.89 -4.60
CA ARG A 12 -5.29 -2.14 -5.87
C ARG A 12 -4.44 -3.04 -6.78
N ALA A 13 -3.15 -2.75 -6.85
CA ALA A 13 -2.26 -3.53 -7.69
C ALA A 13 -1.68 -4.72 -6.93
N GLY A 14 -2.14 -4.89 -5.70
CA GLY A 14 -1.68 -5.97 -4.85
C GLY A 14 -0.19 -5.91 -4.58
N ILE A 15 0.37 -4.74 -4.76
CA ILE A 15 1.78 -4.52 -4.52
C ILE A 15 2.03 -4.13 -3.08
N GLY A 16 1.06 -4.46 -2.24
CA GLY A 16 1.19 -4.16 -0.82
C GLY A 16 2.38 -4.86 -0.19
N HIS A 17 2.63 -6.08 -0.63
CA HIS A 17 3.75 -6.86 -0.11
C HIS A 17 5.07 -6.27 -0.60
N LYS A 18 5.01 -5.55 -1.71
CA LYS A 18 6.20 -4.93 -2.28
C LYS A 18 6.51 -3.60 -1.63
N TYR A 19 5.48 -2.86 -1.23
CA TYR A 19 5.67 -1.55 -0.63
C TYR A 19 5.81 -1.65 0.88
N PRO A 20 7.01 -1.35 1.41
CA PRO A 20 7.29 -1.42 2.85
C PRO A 20 6.34 -0.53 3.67
N PHE A 21 6.14 0.69 3.22
CA PHE A 21 5.27 1.64 3.91
C PHE A 21 3.80 1.39 3.60
N CYS A 22 3.51 0.37 2.80
CA CYS A 22 2.14 0.02 2.45
C CYS A 22 2.00 -1.48 2.35
N HIS A 23 2.25 -2.17 3.46
CA HIS A 23 2.19 -3.63 3.54
C HIS A 23 0.75 -4.15 3.44
N CYS A 24 0.09 -3.72 2.38
CA CYS A 24 -1.27 -4.11 2.10
C CYS A 24 -1.30 -5.49 1.45
N ARG A 25 -2.48 -5.89 1.02
CA ARG A 25 -2.67 -7.18 0.37
C ARG A 25 -2.27 -7.10 -1.10
N PHE A 1 -9.41 3.83 8.86
CA PHE A 1 -8.04 3.89 9.42
C PHE A 1 -7.15 4.75 8.55
N PRO A 2 -6.23 5.52 9.15
CA PRO A 2 -5.32 6.40 8.41
C PRO A 2 -4.31 5.61 7.58
N ARG A 3 -3.99 6.11 6.39
CA ARG A 3 -3.06 5.45 5.50
C ARG A 3 -2.67 6.37 4.34
N PRO A 4 -1.40 6.33 3.93
CA PRO A 4 -0.90 7.16 2.83
C PRO A 4 -1.68 6.90 1.53
N ARG A 5 -1.82 7.95 0.73
CA ARG A 5 -2.56 7.88 -0.53
C ARG A 5 -2.01 6.77 -1.43
N ILE A 6 -0.71 6.54 -1.36
CA ILE A 6 -0.04 5.52 -2.16
C ILE A 6 -0.52 4.11 -1.81
N CYS A 7 -0.77 3.88 -0.53
CA CYS A 7 -1.23 2.59 -0.06
C CYS A 7 -2.49 2.14 -0.78
N ASN A 8 -3.28 3.11 -1.23
CA ASN A 8 -4.51 2.81 -1.94
C ASN A 8 -4.22 2.12 -3.26
N LEU A 9 -3.31 2.67 -4.04
CA LEU A 9 -2.94 2.08 -5.32
C LEU A 9 -2.16 0.79 -5.07
N ALA A 10 -1.43 0.75 -3.96
CA ALA A 10 -0.65 -0.41 -3.58
C ALA A 10 -1.57 -1.61 -3.39
N CYS A 11 -2.67 -1.41 -2.66
CA CYS A 11 -3.62 -2.48 -2.41
C CYS A 11 -4.27 -2.93 -3.72
N ARG A 12 -4.62 -1.96 -4.55
CA ARG A 12 -5.28 -2.22 -5.83
C ARG A 12 -4.40 -3.06 -6.75
N ALA A 13 -3.14 -2.68 -6.88
CA ALA A 13 -2.21 -3.41 -7.74
C ALA A 13 -1.62 -4.62 -7.03
N GLY A 14 -2.04 -4.80 -5.78
CA GLY A 14 -1.56 -5.92 -4.98
C GLY A 14 -0.09 -5.83 -4.69
N ILE A 15 0.46 -4.64 -4.85
CA ILE A 15 1.86 -4.42 -4.59
C ILE A 15 2.07 -4.02 -3.13
N GLY A 16 1.06 -4.32 -2.34
CA GLY A 16 1.12 -4.03 -0.93
C GLY A 16 2.23 -4.80 -0.25
N HIS A 17 2.40 -6.05 -0.65
CA HIS A 17 3.44 -6.89 -0.08
C HIS A 17 4.83 -6.42 -0.53
N LYS A 18 4.85 -5.63 -1.60
CA LYS A 18 6.10 -5.10 -2.13
C LYS A 18 6.47 -3.76 -1.49
N TYR A 19 5.46 -2.97 -1.15
CA TYR A 19 5.69 -1.66 -0.56
C TYR A 19 5.81 -1.74 0.96
N PRO A 20 7.00 -1.45 1.50
CA PRO A 20 7.25 -1.49 2.95
C PRO A 20 6.35 -0.52 3.72
N PHE A 21 6.21 0.70 3.20
CA PHE A 21 5.39 1.72 3.82
C PHE A 21 3.90 1.53 3.51
N CYS A 22 3.58 0.50 2.74
CA CYS A 22 2.21 0.19 2.37
C CYS A 22 2.06 -1.30 2.24
N HIS A 23 2.39 -2.00 3.31
CA HIS A 23 2.36 -3.46 3.35
C HIS A 23 0.94 -4.01 3.34
N CYS A 24 0.17 -3.55 2.37
CA CYS A 24 -1.20 -3.95 2.16
C CYS A 24 -1.26 -5.35 1.55
N ARG A 25 -2.48 -5.80 1.24
CA ARG A 25 -2.68 -7.11 0.64
C ARG A 25 -1.97 -7.21 -0.71
N PHE A 1 -7.29 2.79 10.65
CA PHE A 1 -5.94 3.37 10.83
C PHE A 1 -5.56 4.20 9.61
N PRO A 2 -4.94 5.38 9.83
CA PRO A 2 -4.51 6.27 8.75
C PRO A 2 -3.28 5.72 8.02
N ARG A 3 -3.17 6.06 6.74
CA ARG A 3 -2.04 5.61 5.93
C ARG A 3 -1.97 6.41 4.64
N PRO A 4 -0.76 6.55 4.06
CA PRO A 4 -0.54 7.32 2.82
C PRO A 4 -1.49 6.91 1.69
N ARG A 5 -1.90 7.89 0.89
CA ARG A 5 -2.80 7.65 -0.23
C ARG A 5 -2.19 6.67 -1.23
N ILE A 6 -0.87 6.62 -1.26
CA ILE A 6 -0.15 5.72 -2.17
C ILE A 6 -0.55 4.27 -1.90
N CYS A 7 -0.79 3.98 -0.62
CA CYS A 7 -1.20 2.65 -0.19
C CYS A 7 -2.47 2.22 -0.90
N ASN A 8 -3.28 3.20 -1.27
CA ASN A 8 -4.54 2.91 -1.98
C ASN A 8 -4.24 2.22 -3.29
N LEU A 9 -3.26 2.74 -4.01
CA LEU A 9 -2.84 2.17 -5.28
C LEU A 9 -2.17 0.83 -5.02
N ALA A 10 -1.38 0.81 -3.96
CA ALA A 10 -0.64 -0.38 -3.56
C ALA A 10 -1.58 -1.57 -3.36
N CYS A 11 -2.69 -1.35 -2.65
CA CYS A 11 -3.65 -2.42 -2.40
C CYS A 11 -4.27 -2.89 -3.71
N ARG A 12 -4.64 -1.93 -4.56
CA ARG A 12 -5.28 -2.21 -5.84
C ARG A 12 -4.41 -3.07 -6.74
N ALA A 13 -3.14 -2.71 -6.85
CA ALA A 13 -2.21 -3.45 -7.68
C ALA A 13 -1.64 -4.65 -6.94
N GLY A 14 -2.10 -4.82 -5.71
CA GLY A 14 -1.65 -5.92 -4.87
C GLY A 14 -0.17 -5.87 -4.59
N ILE A 15 0.39 -4.68 -4.72
CA ILE A 15 1.81 -4.49 -4.47
C ILE A 15 2.05 -4.16 -3.01
N GLY A 16 1.08 -4.51 -2.19
CA GLY A 16 1.20 -4.28 -0.76
C GLY A 16 2.38 -5.04 -0.17
N HIS A 17 2.68 -6.19 -0.77
CA HIS A 17 3.79 -7.01 -0.32
C HIS A 17 5.12 -6.39 -0.76
N LYS A 18 5.06 -5.58 -1.80
CA LYS A 18 6.25 -4.94 -2.34
C LYS A 18 6.54 -3.60 -1.67
N TYR A 19 5.51 -2.92 -1.21
CA TYR A 19 5.67 -1.62 -0.57
C TYR A 19 5.75 -1.75 0.95
N PRO A 20 6.93 -1.49 1.53
CA PRO A 20 7.13 -1.57 2.98
C PRO A 20 6.24 -0.60 3.75
N PHE A 21 6.15 0.63 3.25
CA PHE A 21 5.33 1.66 3.87
C PHE A 21 3.85 1.51 3.51
N CYS A 22 3.54 0.48 2.72
CA CYS A 22 2.18 0.21 2.31
C CYS A 22 1.96 -1.29 2.23
N HIS A 23 2.24 -1.96 3.34
CA HIS A 23 2.12 -3.42 3.45
C HIS A 23 0.67 -3.86 3.44
N CYS A 24 -0.05 -3.41 2.44
CA CYS A 24 -1.45 -3.72 2.26
C CYS A 24 -1.63 -5.13 1.71
N ARG A 25 -2.87 -5.55 1.57
CA ARG A 25 -3.20 -6.87 1.06
C ARG A 25 -4.65 -6.90 0.57
N PHE A 1 -6.43 8.87 11.29
CA PHE A 1 -5.08 8.29 11.51
C PHE A 1 -4.22 8.52 10.28
N PRO A 2 -2.92 8.83 10.48
CA PRO A 2 -1.99 9.08 9.37
C PRO A 2 -1.73 7.82 8.56
N ARG A 3 -1.70 7.95 7.24
CA ARG A 3 -1.46 6.83 6.35
C ARG A 3 -1.13 7.33 4.94
N PRO A 4 -0.15 6.71 4.29
CA PRO A 4 0.27 7.09 2.94
C PRO A 4 -0.83 6.86 1.91
N ARG A 5 -1.06 7.85 1.05
CA ARG A 5 -2.08 7.76 0.01
C ARG A 5 -1.70 6.71 -1.03
N ILE A 6 -0.39 6.47 -1.14
CA ILE A 6 0.14 5.49 -2.09
C ILE A 6 -0.42 4.10 -1.81
N CYS A 7 -0.69 3.84 -0.54
CA CYS A 7 -1.24 2.56 -0.11
C CYS A 7 -2.49 2.19 -0.88
N ASN A 8 -3.21 3.22 -1.33
CA ASN A 8 -4.44 3.01 -2.10
C ASN A 8 -4.15 2.22 -3.37
N LEU A 9 -3.23 2.74 -4.16
CA LEU A 9 -2.84 2.09 -5.40
C LEU A 9 -2.09 0.79 -5.11
N ALA A 10 -1.38 0.77 -3.98
CA ALA A 10 -0.63 -0.39 -3.57
C ALA A 10 -1.55 -1.59 -3.36
N CYS A 11 -2.66 -1.37 -2.66
CA CYS A 11 -3.63 -2.44 -2.42
C CYS A 11 -4.30 -2.85 -3.71
N ARG A 12 -4.63 -1.86 -4.55
CA ARG A 12 -5.31 -2.10 -5.81
C ARG A 12 -4.47 -3.00 -6.74
N ALA A 13 -3.19 -2.72 -6.83
CA ALA A 13 -2.30 -3.50 -7.69
C ALA A 13 -1.74 -4.70 -6.94
N GLY A 14 -2.16 -4.84 -5.69
CA GLY A 14 -1.70 -5.94 -4.84
C GLY A 14 -0.22 -5.90 -4.58
N ILE A 15 0.36 -4.73 -4.77
CA ILE A 15 1.78 -4.54 -4.54
C ILE A 15 2.03 -4.13 -3.10
N GLY A 16 1.05 -4.45 -2.25
CA GLY A 16 1.17 -4.16 -0.84
C GLY A 16 2.34 -4.88 -0.21
N HIS A 17 2.64 -6.06 -0.72
CA HIS A 17 3.75 -6.85 -0.20
C HIS A 17 5.08 -6.26 -0.64
N LYS A 18 5.05 -5.55 -1.75
CA LYS A 18 6.25 -4.92 -2.30
C LYS A 18 6.55 -3.58 -1.62
N TYR A 19 5.49 -2.86 -1.24
CA TYR A 19 5.66 -1.55 -0.60
C TYR A 19 5.74 -1.68 0.92
N PRO A 20 6.93 -1.42 1.49
CA PRO A 20 7.16 -1.50 2.94
C PRO A 20 6.24 -0.55 3.73
N PHE A 21 6.11 0.67 3.24
CA PHE A 21 5.27 1.68 3.90
C PHE A 21 3.79 1.46 3.59
N CYS A 22 3.49 0.42 2.82
CA CYS A 22 2.13 0.09 2.46
C CYS A 22 2.00 -1.42 2.32
N HIS A 23 2.33 -2.11 3.42
CA HIS A 23 2.32 -3.57 3.47
C HIS A 23 0.89 -4.14 3.39
N CYS A 24 0.19 -3.72 2.36
CA CYS A 24 -1.17 -4.15 2.11
C CYS A 24 -1.20 -5.54 1.49
N ARG A 25 -2.38 -5.93 1.03
CA ARG A 25 -2.58 -7.23 0.41
C ARG A 25 -1.90 -7.29 -0.96
N PHE A 1 -4.79 11.44 11.34
CA PHE A 1 -3.80 10.35 11.40
C PHE A 1 -3.06 10.25 10.07
N PRO A 2 -1.72 10.26 10.10
CA PRO A 2 -0.91 10.16 8.88
C PRO A 2 -1.00 8.78 8.24
N ARG A 3 -1.13 8.75 6.92
CA ARG A 3 -1.23 7.50 6.20
C ARG A 3 -0.90 7.75 4.73
N PRO A 4 0.06 6.99 4.16
CA PRO A 4 0.49 7.14 2.77
C PRO A 4 -0.65 6.92 1.78
N ARG A 5 -0.84 7.89 0.89
CA ARG A 5 -1.88 7.82 -0.13
C ARG A 5 -1.53 6.76 -1.17
N ILE A 6 -0.25 6.40 -1.22
CA ILE A 6 0.25 5.40 -2.15
C ILE A 6 -0.36 4.03 -1.84
N CYS A 7 -0.60 3.79 -0.55
CA CYS A 7 -1.18 2.53 -0.10
C CYS A 7 -2.46 2.20 -0.84
N ASN A 8 -3.17 3.25 -1.27
CA ASN A 8 -4.42 3.07 -2.00
C ASN A 8 -4.19 2.30 -3.29
N LEU A 9 -3.21 2.74 -4.08
CA LEU A 9 -2.91 2.07 -5.34
C LEU A 9 -2.17 0.76 -5.06
N ALA A 10 -1.42 0.73 -3.97
CA ALA A 10 -0.68 -0.45 -3.57
C ALA A 10 -1.60 -1.64 -3.35
N CYS A 11 -2.70 -1.41 -2.65
CA CYS A 11 -3.67 -2.47 -2.40
C CYS A 11 -4.32 -2.94 -3.70
N ARG A 12 -4.66 -1.97 -4.54
CA ARG A 12 -5.32 -2.24 -5.82
C ARG A 12 -4.46 -3.12 -6.74
N ALA A 13 -3.19 -2.77 -6.87
CA ALA A 13 -2.27 -3.52 -7.74
C ALA A 13 -1.67 -4.70 -6.99
N GLY A 14 -2.09 -4.88 -5.75
CA GLY A 14 -1.59 -5.97 -4.92
C GLY A 14 -0.11 -5.87 -4.69
N ILE A 15 0.42 -4.68 -4.82
CA ILE A 15 1.84 -4.44 -4.61
C ILE A 15 2.07 -4.02 -3.17
N GLY A 16 1.07 -4.29 -2.36
CA GLY A 16 1.16 -3.96 -0.95
C GLY A 16 2.32 -4.69 -0.29
N HIS A 17 2.43 -5.97 -0.58
CA HIS A 17 3.51 -6.78 -0.02
C HIS A 17 4.88 -6.33 -0.53
N LYS A 18 4.88 -5.53 -1.59
CA LYS A 18 6.11 -5.00 -2.15
C LYS A 18 6.50 -3.67 -1.53
N TYR A 19 5.50 -2.87 -1.20
CA TYR A 19 5.75 -1.55 -0.62
C TYR A 19 5.85 -1.64 0.91
N PRO A 20 7.04 -1.36 1.46
CA PRO A 20 7.28 -1.42 2.91
C PRO A 20 6.34 -0.54 3.71
N PHE A 21 6.17 0.70 3.27
CA PHE A 21 5.29 1.65 3.95
C PHE A 21 3.82 1.42 3.61
N CYS A 22 3.54 0.41 2.81
CA CYS A 22 2.17 0.08 2.42
C CYS A 22 2.03 -1.43 2.25
N HIS A 23 2.36 -2.17 3.32
CA HIS A 23 2.29 -3.64 3.31
C HIS A 23 0.85 -4.15 3.27
N CYS A 24 0.13 -3.68 2.29
CA CYS A 24 -1.25 -4.05 2.06
C CYS A 24 -1.32 -5.36 1.28
N ARG A 25 -2.53 -5.80 0.98
CA ARG A 25 -2.74 -7.03 0.24
C ARG A 25 -2.50 -6.80 -1.26
N PHE A 1 -5.05 8.01 12.39
CA PHE A 1 -3.62 8.18 12.04
C PHE A 1 -3.45 8.39 10.55
N PRO A 2 -2.47 9.19 10.14
CA PRO A 2 -2.22 9.47 8.71
C PRO A 2 -1.74 8.22 7.96
N ARG A 3 -2.05 8.16 6.68
CA ARG A 3 -1.66 7.03 5.85
C ARG A 3 -1.43 7.50 4.42
N PRO A 4 -0.34 7.03 3.78
CA PRO A 4 0.01 7.40 2.42
C PRO A 4 -1.09 7.08 1.41
N ARG A 5 -1.41 8.05 0.56
CA ARG A 5 -2.45 7.88 -0.45
C ARG A 5 -2.03 6.82 -1.47
N ILE A 6 -0.73 6.62 -1.60
CA ILE A 6 -0.17 5.63 -2.52
C ILE A 6 -0.60 4.23 -2.13
N CYS A 7 -0.70 4.00 -0.82
CA CYS A 7 -1.09 2.71 -0.28
C CYS A 7 -2.42 2.26 -0.86
N ASN A 8 -3.27 3.23 -1.19
CA ASN A 8 -4.58 2.93 -1.78
C ASN A 8 -4.38 2.22 -3.11
N LEU A 9 -3.46 2.75 -3.90
CA LEU A 9 -3.13 2.17 -5.20
C LEU A 9 -2.38 0.87 -4.98
N ALA A 10 -1.54 0.87 -3.96
CA ALA A 10 -0.74 -0.29 -3.60
C ALA A 10 -1.60 -1.53 -3.40
N CYS A 11 -2.68 -1.39 -2.64
CA CYS A 11 -3.57 -2.52 -2.40
C CYS A 11 -4.17 -3.01 -3.72
N ARG A 12 -4.61 -2.07 -4.54
CA ARG A 12 -5.22 -2.38 -5.83
C ARG A 12 -4.26 -3.12 -6.76
N ALA A 13 -3.03 -2.64 -6.85
CA ALA A 13 -2.03 -3.27 -7.71
C ALA A 13 -1.37 -4.47 -7.04
N GLY A 14 -1.91 -4.86 -5.89
CA GLY A 14 -1.38 -5.99 -5.15
C GLY A 14 0.08 -5.84 -4.82
N ILE A 15 0.51 -4.61 -4.67
CA ILE A 15 1.89 -4.33 -4.34
C ILE A 15 2.00 -4.06 -2.84
N GLY A 16 1.02 -4.57 -2.11
CA GLY A 16 1.00 -4.41 -0.66
C GLY A 16 2.21 -5.07 -0.01
N HIS A 17 2.63 -6.19 -0.56
CA HIS A 17 3.78 -6.92 -0.04
C HIS A 17 5.07 -6.36 -0.67
N LYS A 18 4.91 -5.61 -1.74
CA LYS A 18 6.02 -5.02 -2.46
C LYS A 18 6.47 -3.72 -1.78
N TYR A 19 5.50 -2.94 -1.34
CA TYR A 19 5.77 -1.65 -0.69
C TYR A 19 5.78 -1.78 0.83
N PRO A 20 6.95 -1.63 1.45
CA PRO A 20 7.09 -1.73 2.91
C PRO A 20 6.22 -0.73 3.66
N PHE A 21 6.19 0.50 3.16
CA PHE A 21 5.40 1.56 3.77
C PHE A 21 3.92 1.43 3.43
N CYS A 22 3.59 0.49 2.56
CA CYS A 22 2.21 0.25 2.17
C CYS A 22 1.93 -1.24 2.22
N HIS A 23 2.20 -1.83 3.39
CA HIS A 23 2.02 -3.25 3.64
C HIS A 23 0.53 -3.61 3.71
N CYS A 24 -0.17 -3.24 2.67
CA CYS A 24 -1.60 -3.49 2.55
C CYS A 24 -1.88 -4.96 2.27
N ARG A 25 -3.16 -5.30 2.22
CA ARG A 25 -3.59 -6.67 1.95
C ARG A 25 -3.29 -7.05 0.51
N PHE A 1 -4.95 6.87 13.39
CA PHE A 1 -3.61 6.73 12.78
C PHE A 1 -3.70 6.96 11.27
N PRO A 2 -2.87 7.87 10.73
CA PRO A 2 -2.86 8.17 9.30
C PRO A 2 -2.11 7.11 8.50
N ARG A 3 -2.07 7.30 7.19
CA ARG A 3 -1.39 6.37 6.29
C ARG A 3 -1.18 7.03 4.93
N PRO A 4 -0.07 6.70 4.26
CA PRO A 4 0.26 7.27 2.95
C PRO A 4 -0.79 6.93 1.90
N ARG A 5 -1.10 7.90 1.05
CA ARG A 5 -2.09 7.71 -0.02
C ARG A 5 -1.62 6.66 -1.03
N ILE A 6 -0.33 6.37 -1.01
CA ILE A 6 0.26 5.38 -1.91
C ILE A 6 -0.35 4.01 -1.69
N CYS A 7 -0.71 3.74 -0.43
CA CYS A 7 -1.31 2.47 -0.05
C CYS A 7 -2.53 2.16 -0.91
N ASN A 8 -3.19 3.22 -1.36
CA ASN A 8 -4.38 3.11 -2.21
C ASN A 8 -4.08 2.31 -3.46
N LEU A 9 -3.10 2.78 -4.20
CA LEU A 9 -2.68 2.12 -5.44
C LEU A 9 -1.99 0.80 -5.14
N ALA A 10 -1.29 0.76 -4.02
CA ALA A 10 -0.57 -0.45 -3.61
C ALA A 10 -1.53 -1.61 -3.35
N CYS A 11 -2.63 -1.34 -2.64
CA CYS A 11 -3.61 -2.37 -2.34
C CYS A 11 -4.30 -2.90 -3.59
N ARG A 12 -4.75 -2.00 -4.45
CA ARG A 12 -5.46 -2.39 -5.66
C ARG A 12 -4.56 -3.14 -6.63
N ALA A 13 -3.30 -2.73 -6.74
CA ALA A 13 -2.37 -3.40 -7.63
C ALA A 13 -1.76 -4.62 -6.96
N GLY A 14 -2.13 -4.82 -5.70
CA GLY A 14 -1.64 -5.94 -4.91
C GLY A 14 -0.14 -5.88 -4.69
N ILE A 15 0.40 -4.69 -4.84
CA ILE A 15 1.82 -4.48 -4.64
C ILE A 15 2.08 -4.06 -3.22
N GLY A 16 1.09 -4.27 -2.38
CA GLY A 16 1.20 -3.93 -0.98
C GLY A 16 2.33 -4.66 -0.31
N HIS A 17 2.46 -5.94 -0.62
CA HIS A 17 3.53 -6.75 -0.03
C HIS A 17 4.89 -6.22 -0.45
N LYS A 18 4.94 -5.60 -1.61
CA LYS A 18 6.18 -5.03 -2.14
C LYS A 18 6.51 -3.68 -1.51
N TYR A 19 5.47 -2.91 -1.19
CA TYR A 19 5.69 -1.58 -0.61
C TYR A 19 5.82 -1.64 0.92
N PRO A 20 7.01 -1.29 1.43
CA PRO A 20 7.29 -1.30 2.88
C PRO A 20 6.32 -0.45 3.69
N PHE A 21 6.10 0.77 3.25
CA PHE A 21 5.19 1.69 3.96
C PHE A 21 3.73 1.39 3.66
N CYS A 22 3.47 0.35 2.88
CA CYS A 22 2.10 -0.02 2.52
C CYS A 22 2.03 -1.52 2.30
N HIS A 23 2.39 -2.30 3.33
CA HIS A 23 2.39 -3.77 3.24
C HIS A 23 0.98 -4.34 3.17
N CYS A 24 0.21 -3.83 2.23
CA CYS A 24 -1.16 -4.23 1.99
C CYS A 24 -1.21 -5.57 1.25
N ARG A 25 -2.40 -5.92 0.81
CA ARG A 25 -2.63 -7.16 0.07
C ARG A 25 -1.95 -7.11 -1.30
N PHE A 1 -8.86 3.44 10.02
CA PHE A 1 -7.81 4.44 9.70
C PHE A 1 -7.78 4.70 8.20
N PRO A 2 -7.54 5.95 7.79
CA PRO A 2 -7.49 6.33 6.37
C PRO A 2 -6.28 5.74 5.67
N ARG A 3 -6.47 5.25 4.47
CA ARG A 3 -5.38 4.66 3.71
C ARG A 3 -4.64 5.73 2.91
N PRO A 4 -3.31 5.81 3.06
CA PRO A 4 -2.49 6.77 2.34
C PRO A 4 -2.71 6.65 0.83
N ARG A 5 -2.63 7.77 0.13
CA ARG A 5 -2.85 7.80 -1.32
C ARG A 5 -2.00 6.76 -2.04
N ILE A 6 -0.79 6.53 -1.53
CA ILE A 6 0.10 5.54 -2.14
C ILE A 6 -0.36 4.13 -1.83
N CYS A 7 -0.74 3.90 -0.58
CA CYS A 7 -1.22 2.60 -0.15
C CYS A 7 -2.48 2.22 -0.93
N ASN A 8 -3.21 3.22 -1.36
CA ASN A 8 -4.44 3.04 -2.13
C ASN A 8 -4.15 2.23 -3.38
N LEU A 9 -3.22 2.75 -4.17
CA LEU A 9 -2.82 2.08 -5.40
C LEU A 9 -2.09 0.79 -5.10
N ALA A 10 -1.37 0.78 -3.98
CA ALA A 10 -0.62 -0.40 -3.56
C ALA A 10 -1.54 -1.59 -3.34
N CYS A 11 -2.66 -1.36 -2.64
CA CYS A 11 -3.62 -2.43 -2.37
C CYS A 11 -4.27 -2.92 -3.66
N ARG A 12 -4.68 -1.96 -4.50
CA ARG A 12 -5.35 -2.26 -5.75
C ARG A 12 -4.46 -3.09 -6.70
N ALA A 13 -3.20 -2.71 -6.80
CA ALA A 13 -2.27 -3.43 -7.67
C ALA A 13 -1.68 -4.64 -6.94
N GLY A 14 -2.11 -4.83 -5.71
CA GLY A 14 -1.65 -5.94 -4.90
C GLY A 14 -0.17 -5.87 -4.63
N ILE A 15 0.39 -4.69 -4.78
CA ILE A 15 1.81 -4.47 -4.55
C ILE A 15 2.04 -4.10 -3.10
N GLY A 16 1.06 -4.41 -2.26
CA GLY A 16 1.15 -4.13 -0.85
C GLY A 16 2.34 -4.83 -0.21
N HIS A 17 2.61 -6.04 -0.66
CA HIS A 17 3.71 -6.82 -0.12
C HIS A 17 5.05 -6.24 -0.60
N LYS A 18 5.01 -5.53 -1.71
CA LYS A 18 6.21 -4.93 -2.29
C LYS A 18 6.51 -3.59 -1.64
N TYR A 19 5.48 -2.86 -1.25
CA TYR A 19 5.66 -1.54 -0.63
C TYR A 19 5.79 -1.67 0.88
N PRO A 20 6.99 -1.39 1.42
CA PRO A 20 7.25 -1.47 2.86
C PRO A 20 6.32 -0.59 3.69
N PHE A 21 6.14 0.65 3.25
CA PHE A 21 5.28 1.60 3.95
C PHE A 21 3.80 1.36 3.63
N CYS A 22 3.51 0.37 2.79
CA CYS A 22 2.14 0.05 2.41
C CYS A 22 1.98 -1.46 2.31
N HIS A 23 2.28 -2.16 3.40
CA HIS A 23 2.19 -3.62 3.47
C HIS A 23 0.74 -4.10 3.43
N CYS A 24 0.02 -3.63 2.43
CA CYS A 24 -1.37 -3.96 2.21
C CYS A 24 -1.50 -5.34 1.58
N ARG A 25 -2.73 -5.74 1.32
CA ARG A 25 -3.00 -7.03 0.71
C ARG A 25 -4.44 -7.08 0.19
N PHE A 1 -0.27 9.35 12.73
CA PHE A 1 0.20 10.03 11.52
C PHE A 1 -0.64 9.64 10.31
N PRO A 2 -0.76 10.53 9.32
CA PRO A 2 -1.56 10.27 8.12
C PRO A 2 -0.88 9.25 7.22
N ARG A 3 -1.63 8.26 6.76
CA ARG A 3 -1.09 7.23 5.90
C ARG A 3 -0.98 7.74 4.46
N PRO A 4 0.08 7.32 3.76
CA PRO A 4 0.32 7.74 2.37
C PRO A 4 -0.76 7.23 1.43
N ARG A 5 -1.18 8.10 0.50
CA ARG A 5 -2.20 7.76 -0.48
C ARG A 5 -1.74 6.65 -1.42
N ILE A 6 -0.43 6.41 -1.42
CA ILE A 6 0.17 5.38 -2.26
C ILE A 6 -0.40 4.02 -1.90
N CYS A 7 -0.72 3.83 -0.62
CA CYS A 7 -1.30 2.59 -0.14
C CYS A 7 -2.57 2.25 -0.89
N ASN A 8 -3.27 3.28 -1.34
CA ASN A 8 -4.51 3.12 -2.10
C ASN A 8 -4.24 2.36 -3.39
N LEU A 9 -3.15 2.74 -4.04
CA LEU A 9 -2.74 2.10 -5.28
C LEU A 9 -2.11 0.74 -4.98
N ALA A 10 -1.30 0.72 -3.95
CA ALA A 10 -0.61 -0.50 -3.52
C ALA A 10 -1.56 -1.67 -3.31
N CYS A 11 -2.67 -1.44 -2.62
CA CYS A 11 -3.63 -2.50 -2.37
C CYS A 11 -4.29 -3.01 -3.65
N ARG A 12 -4.76 -2.09 -4.47
CA ARG A 12 -5.45 -2.45 -5.72
C ARG A 12 -4.52 -3.16 -6.70
N ALA A 13 -3.26 -2.73 -6.74
CA ALA A 13 -2.29 -3.34 -7.65
C ALA A 13 -1.63 -4.56 -7.00
N GLY A 14 -2.06 -4.85 -5.78
CA GLY A 14 -1.53 -5.98 -5.04
C GLY A 14 -0.05 -5.87 -4.78
N ILE A 15 0.46 -4.66 -4.85
CA ILE A 15 1.87 -4.41 -4.61
C ILE A 15 2.07 -4.01 -3.16
N GLY A 16 1.06 -4.34 -2.36
CA GLY A 16 1.10 -4.04 -0.95
C GLY A 16 2.26 -4.71 -0.25
N HIS A 17 2.51 -5.96 -0.61
CA HIS A 17 3.61 -6.71 0.00
C HIS A 17 4.96 -6.25 -0.53
N LYS A 18 4.93 -5.53 -1.65
CA LYS A 18 6.15 -5.02 -2.26
C LYS A 18 6.56 -3.71 -1.61
N TYR A 19 5.59 -2.88 -1.28
CA TYR A 19 5.87 -1.58 -0.67
C TYR A 19 5.80 -1.67 0.86
N PRO A 20 6.98 -1.60 1.53
CA PRO A 20 7.07 -1.69 2.99
C PRO A 20 6.16 -0.70 3.73
N PHE A 21 6.15 0.55 3.30
CA PHE A 21 5.33 1.57 3.93
C PHE A 21 3.84 1.33 3.68
N CYS A 22 3.53 0.53 2.68
CA CYS A 22 2.15 0.21 2.36
C CYS A 22 1.99 -1.30 2.24
N HIS A 23 2.39 -2.00 3.32
CA HIS A 23 2.33 -3.46 3.39
C HIS A 23 0.89 -3.97 3.42
N CYS A 24 0.15 -3.56 2.43
CA CYS A 24 -1.25 -3.93 2.26
C CYS A 24 -1.37 -5.33 1.70
N ARG A 25 -2.60 -5.74 1.43
CA ARG A 25 -2.88 -7.06 0.88
C ARG A 25 -2.32 -7.19 -0.54
N PHE A 1 -4.43 3.67 11.85
CA PHE A 1 -3.04 3.87 11.39
C PHE A 1 -3.02 4.84 10.21
N PRO A 2 -2.24 5.93 10.31
CA PRO A 2 -2.13 6.93 9.24
C PRO A 2 -1.23 6.46 8.10
N ARG A 3 -1.72 5.47 7.38
CA ARG A 3 -0.99 4.90 6.25
C ARG A 3 -0.96 5.87 5.07
N PRO A 4 0.15 5.89 4.32
CA PRO A 4 0.33 6.77 3.16
C PRO A 4 -0.76 6.62 2.10
N ARG A 5 -1.00 7.70 1.35
CA ARG A 5 -2.00 7.71 0.29
C ARG A 5 -1.66 6.70 -0.80
N ILE A 6 -0.36 6.40 -0.93
CA ILE A 6 0.13 5.45 -1.92
C ILE A 6 -0.48 4.07 -1.71
N CYS A 7 -0.76 3.74 -0.45
CA CYS A 7 -1.33 2.45 -0.08
C CYS A 7 -2.58 2.15 -0.91
N ASN A 8 -3.28 3.20 -1.32
CA ASN A 8 -4.50 3.03 -2.12
C ASN A 8 -4.20 2.26 -3.40
N LEU A 9 -3.20 2.71 -4.14
CA LEU A 9 -2.81 2.04 -5.37
C LEU A 9 -2.08 0.74 -5.06
N ALA A 10 -1.37 0.73 -3.93
CA ALA A 10 -0.62 -0.44 -3.49
C ALA A 10 -1.56 -1.63 -3.30
N CYS A 11 -2.67 -1.42 -2.62
CA CYS A 11 -3.64 -2.48 -2.37
C CYS A 11 -4.29 -2.91 -3.68
N ARG A 12 -4.65 -1.92 -4.50
CA ARG A 12 -5.30 -2.17 -5.78
C ARG A 12 -4.47 -3.04 -6.71
N ALA A 13 -3.19 -2.72 -6.83
CA ALA A 13 -2.31 -3.49 -7.71
C ALA A 13 -1.70 -4.66 -6.97
N GLY A 14 -2.11 -4.84 -5.73
CA GLY A 14 -1.61 -5.94 -4.91
C GLY A 14 -0.13 -5.86 -4.67
N ILE A 15 0.41 -4.67 -4.84
CA ILE A 15 1.83 -4.44 -4.63
C ILE A 15 2.08 -4.02 -3.20
N GLY A 16 1.08 -4.27 -2.37
CA GLY A 16 1.18 -3.95 -0.96
C GLY A 16 2.32 -4.71 -0.31
N HIS A 17 2.43 -5.98 -0.64
CA HIS A 17 3.48 -6.82 -0.09
C HIS A 17 4.86 -6.37 -0.55
N LYS A 18 4.89 -5.57 -1.62
CA LYS A 18 6.13 -5.05 -2.17
C LYS A 18 6.50 -3.71 -1.53
N TYR A 19 5.49 -2.92 -1.18
CA TYR A 19 5.73 -1.60 -0.58
C TYR A 19 5.82 -1.69 0.95
N PRO A 20 7.00 -1.41 1.50
CA PRO A 20 7.23 -1.45 2.96
C PRO A 20 6.30 -0.53 3.74
N PHE A 21 6.17 0.71 3.27
CA PHE A 21 5.31 1.69 3.94
C PHE A 21 3.84 1.47 3.61
N CYS A 22 3.56 0.46 2.81
CA CYS A 22 2.19 0.12 2.43
C CYS A 22 2.08 -1.37 2.25
N HIS A 23 2.43 -2.10 3.30
CA HIS A 23 2.43 -3.57 3.29
C HIS A 23 1.00 -4.13 3.26
N CYS A 24 0.25 -3.66 2.29
CA CYS A 24 -1.12 -4.06 2.08
C CYS A 24 -1.17 -5.42 1.38
N ARG A 25 -2.37 -5.86 1.05
CA ARG A 25 -2.55 -7.14 0.37
C ARG A 25 -2.23 -7.01 -1.12
N PHE A 1 1.77 3.16 13.08
CA PHE A 1 2.75 3.33 11.98
C PHE A 1 2.17 4.21 10.88
N PRO A 2 2.86 5.30 10.53
CA PRO A 2 2.41 6.22 9.48
C PRO A 2 2.50 5.59 8.10
N ARG A 3 1.50 5.81 7.27
CA ARG A 3 1.49 5.27 5.92
C ARG A 3 1.01 6.31 4.92
N PRO A 4 1.72 6.39 3.77
CA PRO A 4 1.40 7.34 2.71
C PRO A 4 0.09 7.00 2.00
N ARG A 5 -0.40 7.93 1.20
CA ARG A 5 -1.65 7.72 0.47
C ARG A 5 -1.47 6.67 -0.61
N ILE A 6 -0.22 6.48 -1.03
CA ILE A 6 0.16 5.50 -2.07
C ILE A 6 -0.43 4.12 -1.81
N CYS A 7 -0.69 3.84 -0.53
CA CYS A 7 -1.26 2.56 -0.12
C CYS A 7 -2.51 2.23 -0.93
N ASN A 8 -3.19 3.27 -1.39
CA ASN A 8 -4.42 3.11 -2.18
C ASN A 8 -4.15 2.27 -3.43
N LEU A 9 -3.19 2.69 -4.21
CA LEU A 9 -2.82 1.99 -5.43
C LEU A 9 -2.10 0.70 -5.08
N ALA A 10 -1.39 0.72 -3.96
CA ALA A 10 -0.67 -0.45 -3.49
C ALA A 10 -1.62 -1.63 -3.28
N CYS A 11 -2.73 -1.38 -2.62
CA CYS A 11 -3.73 -2.44 -2.39
C CYS A 11 -4.40 -2.82 -3.70
N ARG A 12 -4.65 -1.83 -4.53
CA ARG A 12 -5.31 -2.02 -5.82
C ARG A 12 -4.56 -2.97 -6.73
N ALA A 13 -3.26 -2.80 -6.83
CA ALA A 13 -2.44 -3.66 -7.70
C ALA A 13 -1.78 -4.78 -6.92
N GLY A 14 -2.15 -4.90 -5.65
CA GLY A 14 -1.59 -5.95 -4.80
C GLY A 14 -0.09 -5.81 -4.60
N ILE A 15 0.38 -4.59 -4.71
CA ILE A 15 1.80 -4.30 -4.53
C ILE A 15 2.08 -4.03 -3.07
N GLY A 16 1.07 -4.32 -2.26
CA GLY A 16 1.18 -4.13 -0.83
C GLY A 16 2.38 -4.87 -0.25
N HIS A 17 2.59 -6.10 -0.71
CA HIS A 17 3.71 -6.90 -0.23
C HIS A 17 5.05 -6.34 -0.69
N LYS A 18 5.05 -5.50 -1.73
CA LYS A 18 6.28 -4.91 -2.24
C LYS A 18 6.59 -3.59 -1.55
N TYR A 19 5.54 -2.86 -1.18
CA TYR A 19 5.71 -1.55 -0.54
C TYR A 19 5.83 -1.67 0.97
N PRO A 20 7.01 -1.36 1.53
CA PRO A 20 7.26 -1.43 2.97
C PRO A 20 6.31 -0.54 3.76
N PHE A 21 6.13 0.68 3.29
CA PHE A 21 5.25 1.65 3.94
C PHE A 21 3.79 1.40 3.61
N CYS A 22 3.52 0.38 2.81
CA CYS A 22 2.16 0.04 2.43
C CYS A 22 2.02 -1.46 2.25
N HIS A 23 2.33 -2.20 3.30
CA HIS A 23 2.25 -3.67 3.27
C HIS A 23 0.81 -4.15 3.29
N CYS A 24 0.06 -3.66 2.32
CA CYS A 24 -1.34 -3.98 2.15
C CYS A 24 -1.50 -5.34 1.50
N ARG A 25 -2.75 -5.76 1.32
CA ARG A 25 -3.05 -7.04 0.70
C ARG A 25 -2.62 -7.05 -0.77
N PHE A 1 -1.75 6.79 13.01
CA PHE A 1 -1.07 7.82 12.19
C PHE A 1 -1.58 7.78 10.76
N PRO A 2 -1.53 8.93 10.05
CA PRO A 2 -2.01 9.03 8.65
C PRO A 2 -1.26 8.09 7.72
N ARG A 3 -1.93 7.71 6.63
CA ARG A 3 -1.33 6.82 5.65
C ARG A 3 -1.36 7.46 4.27
N PRO A 4 -0.24 7.42 3.54
CA PRO A 4 -0.13 8.00 2.20
C PRO A 4 -1.08 7.34 1.21
N ARG A 5 -1.60 8.13 0.27
CA ARG A 5 -2.52 7.63 -0.75
C ARG A 5 -1.87 6.56 -1.63
N ILE A 6 -0.56 6.40 -1.49
CA ILE A 6 0.17 5.39 -2.24
C ILE A 6 -0.32 4.00 -1.86
N CYS A 7 -0.67 3.84 -0.60
CA CYS A 7 -1.17 2.58 -0.09
C CYS A 7 -2.45 2.20 -0.82
N ASN A 8 -3.19 3.20 -1.26
CA ASN A 8 -4.43 2.99 -1.98
C ASN A 8 -4.18 2.24 -3.28
N LEU A 9 -3.24 2.73 -4.08
CA LEU A 9 -2.91 2.09 -5.34
C LEU A 9 -2.16 0.78 -5.09
N ALA A 10 -1.41 0.75 -3.99
CA ALA A 10 -0.65 -0.44 -3.62
C ALA A 10 -1.59 -1.63 -3.41
N CYS A 11 -2.67 -1.42 -2.67
CA CYS A 11 -3.64 -2.48 -2.42
C CYS A 11 -4.32 -2.90 -3.72
N ARG A 12 -4.61 -1.93 -4.58
CA ARG A 12 -5.27 -2.19 -5.86
C ARG A 12 -4.46 -3.11 -6.75
N ALA A 13 -3.18 -2.79 -6.91
CA ALA A 13 -2.29 -3.58 -7.76
C ALA A 13 -1.70 -4.76 -6.99
N GLY A 14 -2.13 -4.90 -5.74
CA GLY A 14 -1.65 -5.97 -4.89
C GLY A 14 -0.17 -5.89 -4.62
N ILE A 15 0.38 -4.71 -4.82
CA ILE A 15 1.79 -4.48 -4.59
C ILE A 15 2.02 -4.05 -3.16
N GLY A 16 1.04 -4.36 -2.33
CA GLY A 16 1.13 -4.02 -0.92
C GLY A 16 2.31 -4.70 -0.25
N HIS A 17 2.54 -5.96 -0.59
CA HIS A 17 3.65 -6.71 -0.02
C HIS A 17 4.98 -6.20 -0.55
N LYS A 18 4.92 -5.48 -1.66
CA LYS A 18 6.12 -4.93 -2.29
C LYS A 18 6.51 -3.61 -1.61
N TYR A 19 5.50 -2.81 -1.26
CA TYR A 19 5.74 -1.53 -0.63
C TYR A 19 5.77 -1.66 0.90
N PRO A 20 6.96 -1.52 1.51
CA PRO A 20 7.12 -1.64 2.97
C PRO A 20 6.22 -0.69 3.76
N PHE A 21 6.17 0.57 3.31
CA PHE A 21 5.35 1.58 3.98
C PHE A 21 3.86 1.38 3.69
N CYS A 22 3.55 0.48 2.78
CA CYS A 22 2.18 0.18 2.42
C CYS A 22 2.01 -1.32 2.29
N HIS A 23 2.41 -2.04 3.35
CA HIS A 23 2.37 -3.51 3.42
C HIS A 23 0.94 -4.06 3.38
N CYS A 24 0.23 -3.67 2.35
CA CYS A 24 -1.14 -4.09 2.11
C CYS A 24 -1.17 -5.46 1.46
N ARG A 25 -2.35 -5.87 1.04
CA ARG A 25 -2.53 -7.16 0.38
C ARG A 25 -1.87 -7.15 -1.00
#